data_1B5J
#
_entry.id   1B5J
#
_cell.length_a   109.926
_cell.length_b   75.446
_cell.length_c   70.061
_cell.angle_alpha   90.00
_cell.angle_beta   90.00
_cell.angle_gamma   90.00
#
_symmetry.space_group_name_H-M   'P 21 21 21'
#
loop_
_entity.id
_entity.type
_entity.pdbx_description
1 polymer 'PROTEIN (OLIGO-PEPTIDE BINDING PROTEIN)'
2 polymer 'PROTEIN (LYS-GLN-LYS)'
3 non-polymer 'URANIUM ATOM'
4 water water
#
loop_
_entity_poly.entity_id
_entity_poly.type
_entity_poly.pdbx_seq_one_letter_code
_entity_poly.pdbx_strand_id
1 'polypeptide(L)'
;ADVPAGVQLADKQTLVRNNGSEVQSLDPHKIEGVPESNVSRDLFEGLLISDVEGHPSPGVAEKWENKDFKVWTFHLRENA
KWSDGTPVTAHDFVYSWQRLADPNTASPYASYLQYGHIANIDDIIAGKKPATDLGVKALDDHTFEVTLSEPVPYFYKLLV
HPSVSPVPKSAVEKFGDKWTQPANIVTNGAYKLKNWVVNERIVLERNPQYWDNAKTVINQVTYLPISSEVTDVNRYRSGE
IDMTYNNMPIELFQKLKKEIPNEVRVDPYLCTYYYEINNQKAPFNDVRVRTALKLALDRDIIVNKVKNQGDLPAYSYTPP
YTDGAKLVEPEWFKWSQQKRNEEAKKLLAEAGFTADKPLTFDLLYNTSDLHKKLAIAVASIWKKNLGVNVNLENQEWKTF
LDTRHQGTFDVARAGWCADYNEPTSFLNTMLSDSSNNTAHYKSPAFDKLIADTLKVADDTQRSELYAKAEQQLDKDSAIV
PVYYYVNARLVKPWVGGYTGKDPLDNIYVKNLYIIKH
;
A
2 'polypeptide(L)' KQK B
#
loop_
_chem_comp.id
_chem_comp.type
_chem_comp.name
_chem_comp.formula
U1 non-polymer 'URANIUM ATOM' U
#
# COMPACT_ATOMS: atom_id res chain seq x y z
N ALA A 1 5.53 -13.83 -18.88
CA ALA A 1 6.91 -14.04 -18.38
C ALA A 1 7.84 -14.07 -19.58
N ASP A 2 9.09 -13.71 -19.36
CA ASP A 2 10.10 -13.77 -20.44
C ASP A 2 11.14 -14.76 -19.95
N VAL A 3 11.03 -16.01 -20.35
CA VAL A 3 11.96 -17.04 -19.90
C VAL A 3 13.28 -16.95 -20.68
N PRO A 4 14.39 -16.76 -19.99
CA PRO A 4 15.71 -16.68 -20.59
C PRO A 4 16.14 -17.93 -21.34
N ALA A 5 16.87 -17.71 -22.42
CA ALA A 5 17.37 -18.79 -23.27
C ALA A 5 18.09 -19.83 -22.43
N GLY A 6 17.82 -21.12 -22.68
CA GLY A 6 18.54 -22.14 -21.91
C GLY A 6 17.97 -22.49 -20.56
N VAL A 7 17.03 -21.70 -20.02
CA VAL A 7 16.44 -22.07 -18.73
C VAL A 7 15.56 -23.30 -18.99
N GLN A 8 15.67 -24.31 -18.13
CA GLN A 8 14.83 -25.50 -18.27
C GLN A 8 13.60 -25.32 -17.37
N LEU A 9 12.40 -25.39 -17.95
CA LEU A 9 11.20 -25.20 -17.11
C LEU A 9 10.74 -26.49 -16.44
N ALA A 10 10.26 -26.33 -15.21
CA ALA A 10 9.68 -27.44 -14.46
C ALA A 10 8.45 -27.93 -15.22
N ASP A 11 8.15 -29.21 -15.05
CA ASP A 11 7.00 -29.84 -15.65
C ASP A 11 5.71 -29.20 -15.11
N LYS A 12 5.67 -29.01 -13.80
CA LYS A 12 4.49 -28.45 -13.15
C LYS A 12 4.76 -26.99 -12.82
N GLN A 13 3.92 -26.13 -13.39
CA GLN A 13 4.10 -24.69 -13.24
C GLN A 13 3.12 -24.15 -12.23
N THR A 14 3.33 -24.48 -10.94
CA THR A 14 2.40 -23.98 -9.90
C THR A 14 3.25 -23.28 -8.85
N LEU A 15 2.64 -22.37 -8.14
CA LEU A 15 3.28 -21.48 -7.20
C LEU A 15 2.44 -21.30 -5.96
N VAL A 16 3.12 -21.28 -4.82
CA VAL A 16 2.43 -20.99 -3.54
C VAL A 16 3.11 -19.76 -2.95
N ARG A 17 2.31 -18.71 -2.75
CA ARG A 17 2.83 -17.49 -2.12
C ARG A 17 2.17 -17.21 -0.79
N ASN A 18 2.91 -16.74 0.26
CA ASN A 18 2.15 -16.40 1.47
C ASN A 18 1.70 -14.95 1.23
N ASN A 19 0.57 -14.56 1.79
CA ASN A 19 0.04 -13.21 1.46
C ASN A 19 -0.24 -12.37 2.69
N GLY A 20 0.32 -12.77 3.83
CA GLY A 20 0.30 -12.02 5.06
C GLY A 20 -0.94 -12.02 5.89
N SER A 21 -2.12 -12.09 5.32
CA SER A 21 -3.38 -12.14 6.02
C SER A 21 -4.52 -12.46 5.07
N GLU A 22 -5.70 -12.61 5.66
CA GLU A 22 -6.90 -12.82 4.85
C GLU A 22 -7.24 -11.47 4.21
N VAL A 23 -7.51 -11.46 2.90
CA VAL A 23 -7.84 -10.22 2.23
C VAL A 23 -9.15 -9.63 2.74
N GLN A 24 -9.18 -8.30 2.68
CA GLN A 24 -10.39 -7.55 3.02
C GLN A 24 -11.53 -7.95 2.05
N SER A 25 -11.12 -8.08 0.78
CA SER A 25 -12.11 -8.32 -0.28
C SER A 25 -11.35 -8.63 -1.57
N LEU A 26 -12.08 -9.10 -2.58
CA LEU A 26 -11.50 -9.22 -3.91
C LEU A 26 -12.05 -8.12 -4.81
N ASP A 27 -12.95 -7.29 -4.28
CA ASP A 27 -13.51 -6.17 -5.09
C ASP A 27 -12.54 -5.02 -5.09
N PRO A 28 -12.02 -4.63 -6.26
CA PRO A 28 -11.04 -3.57 -6.39
C PRO A 28 -11.42 -2.25 -5.74
N HIS A 29 -12.74 -1.96 -5.61
CA HIS A 29 -13.16 -0.73 -4.98
C HIS A 29 -13.34 -0.87 -3.46
N LYS A 30 -13.12 -2.06 -2.91
CA LYS A 30 -13.32 -2.20 -1.46
C LYS A 30 -12.00 -2.48 -0.73
N ILE A 31 -10.86 -2.37 -1.38
CA ILE A 31 -9.56 -2.75 -0.76
C ILE A 31 -8.62 -1.59 -0.57
N GLU A 32 -7.67 -1.74 0.38
CA GLU A 32 -6.69 -0.67 0.58
C GLU A 32 -5.31 -1.25 0.86
N GLY A 33 -5.18 -2.59 1.01
CA GLY A 33 -3.89 -3.10 1.48
C GLY A 33 -2.98 -3.84 0.52
N VAL A 34 -1.76 -4.13 1.00
CA VAL A 34 -0.80 -4.92 0.20
C VAL A 34 -1.30 -6.31 -0.09
N PRO A 35 -1.84 -7.06 0.87
CA PRO A 35 -2.32 -8.40 0.59
C PRO A 35 -3.44 -8.37 -0.46
N GLU A 36 -4.31 -7.38 -0.32
CA GLU A 36 -5.46 -7.25 -1.23
C GLU A 36 -4.97 -7.01 -2.66
N SER A 37 -4.03 -6.06 -2.77
CA SER A 37 -3.45 -5.65 -4.05
C SER A 37 -2.64 -6.75 -4.69
N ASN A 38 -1.97 -7.57 -3.88
CA ASN A 38 -1.21 -8.71 -4.41
C ASN A 38 -2.13 -9.63 -5.23
N VAL A 39 -3.30 -9.94 -4.66
CA VAL A 39 -4.23 -10.81 -5.39
C VAL A 39 -4.85 -10.03 -6.55
N SER A 40 -5.20 -8.78 -6.27
CA SER A 40 -5.84 -7.96 -7.31
C SER A 40 -5.05 -7.86 -8.60
N ARG A 41 -3.72 -7.73 -8.56
CA ARG A 41 -2.96 -7.61 -9.82
C ARG A 41 -3.06 -8.83 -10.70
N ASP A 42 -3.25 -10.02 -10.13
CA ASP A 42 -3.39 -11.23 -10.94
C ASP A 42 -4.78 -11.33 -11.56
N LEU A 43 -5.80 -10.69 -10.97
CA LEU A 43 -7.16 -10.83 -11.45
C LEU A 43 -7.70 -9.67 -12.30
N PHE A 44 -7.41 -8.43 -11.95
CA PHE A 44 -7.98 -7.28 -12.64
C PHE A 44 -6.87 -6.41 -13.19
N GLU A 45 -6.97 -6.11 -14.49
CA GLU A 45 -5.94 -5.29 -15.14
C GLU A 45 -6.45 -3.93 -15.58
N GLY A 46 -5.75 -2.90 -15.11
CA GLY A 46 -6.08 -1.53 -15.49
C GLY A 46 -5.48 -1.08 -16.82
N LEU A 47 -5.50 0.23 -17.02
CA LEU A 47 -5.02 0.87 -18.25
C LEU A 47 -3.52 0.54 -18.46
N LEU A 48 -2.74 0.70 -17.40
CA LEU A 48 -1.31 0.43 -17.39
C LEU A 48 -1.04 -0.62 -16.28
N ILE A 49 0.10 -1.29 -16.40
CA ILE A 49 0.55 -2.25 -15.39
C ILE A 49 2.04 -1.95 -15.16
N SER A 50 2.65 -2.45 -14.10
CA SER A 50 4.09 -2.33 -13.93
C SER A 50 4.76 -3.47 -14.72
N ASP A 51 5.90 -3.22 -15.37
CA ASP A 51 6.63 -4.33 -15.98
C ASP A 51 7.38 -5.06 -14.86
N VAL A 52 8.27 -5.99 -15.18
CA VAL A 52 8.98 -6.77 -14.15
C VAL A 52 9.92 -5.97 -13.29
N GLU A 53 10.30 -4.76 -13.68
CA GLU A 53 11.19 -3.93 -12.90
C GLU A 53 10.42 -2.78 -12.28
N GLY A 54 9.07 -2.76 -12.48
CA GLY A 54 8.27 -1.69 -11.90
C GLY A 54 7.97 -0.50 -12.77
N HIS A 55 8.40 -0.44 -14.03
CA HIS A 55 8.09 0.72 -14.89
C HIS A 55 6.63 0.67 -15.37
N PRO A 56 5.94 1.80 -15.37
CA PRO A 56 4.56 1.86 -15.87
C PRO A 56 4.64 1.41 -17.31
N SER A 57 3.75 0.52 -17.70
CA SER A 57 3.77 -0.16 -18.97
C SER A 57 2.35 -0.42 -19.45
N PRO A 58 2.19 -0.71 -20.75
CA PRO A 58 0.87 -0.93 -21.29
C PRO A 58 0.12 -2.03 -20.56
N GLY A 59 -1.14 -1.78 -20.21
CA GLY A 59 -1.98 -2.85 -19.60
C GLY A 59 -3.09 -3.07 -20.64
N VAL A 60 -4.34 -2.73 -20.25
CA VAL A 60 -5.42 -2.78 -21.24
C VAL A 60 -5.17 -1.71 -22.33
N ALA A 61 -4.66 -0.56 -21.95
CA ALA A 61 -4.27 0.45 -22.95
C ALA A 61 -2.92 0.08 -23.58
N GLU A 62 -2.88 0.02 -24.92
CA GLU A 62 -1.63 -0.26 -25.62
C GLU A 62 -0.86 1.03 -25.92
N LYS A 63 -1.56 2.17 -25.94
CA LYS A 63 -0.84 3.43 -26.15
C LYS A 63 -1.66 4.60 -25.66
N TRP A 64 -1.02 5.72 -25.35
CA TRP A 64 -1.72 6.85 -24.77
C TRP A 64 -1.02 8.17 -25.06
N GLU A 65 -1.77 9.26 -25.06
CA GLU A 65 -1.27 10.59 -25.25
C GLU A 65 -1.87 11.51 -24.19
N ASN A 66 -1.26 12.69 -24.03
CA ASN A 66 -1.83 13.69 -23.14
C ASN A 66 -1.73 15.06 -23.85
N LYS A 67 -2.69 15.90 -23.50
CA LYS A 67 -2.71 17.28 -23.99
C LYS A 67 -2.56 18.16 -22.77
N ASP A 68 -1.41 18.83 -22.67
CA ASP A 68 -1.07 19.71 -21.57
C ASP A 68 -1.14 19.01 -20.21
N PHE A 69 -0.93 17.69 -20.17
CA PHE A 69 -1.04 16.91 -18.95
C PHE A 69 -2.42 17.03 -18.30
N LYS A 70 -3.47 17.45 -19.01
CA LYS A 70 -4.79 17.60 -18.43
C LYS A 70 -5.80 16.68 -19.09
N VAL A 71 -5.61 16.39 -20.39
CA VAL A 71 -6.53 15.48 -21.07
C VAL A 71 -5.69 14.29 -21.51
N TRP A 72 -6.00 13.11 -20.97
CA TRP A 72 -5.26 11.89 -21.23
C TRP A 72 -6.14 10.94 -22.02
N THR A 73 -5.59 10.46 -23.14
CA THR A 73 -6.36 9.59 -24.02
C THR A 73 -5.69 8.24 -24.13
N PHE A 74 -6.47 7.22 -23.72
CA PHE A 74 -5.93 5.86 -23.74
C PHE A 74 -6.53 5.02 -24.84
N HIS A 75 -5.69 4.42 -25.64
CA HIS A 75 -6.11 3.56 -26.74
C HIS A 75 -6.08 2.12 -26.27
N LEU A 76 -7.26 1.53 -26.07
CA LEU A 76 -7.34 0.18 -25.55
C LEU A 76 -7.14 -0.88 -26.62
N ARG A 77 -6.35 -1.90 -26.29
CA ARG A 77 -6.05 -2.97 -27.25
C ARG A 77 -7.33 -3.68 -27.63
N GLU A 78 -7.49 -4.03 -28.92
CA GLU A 78 -8.76 -4.62 -29.36
C GLU A 78 -9.05 -6.01 -28.87
N ASN A 79 -8.02 -6.77 -28.54
CA ASN A 79 -8.23 -8.13 -28.04
C ASN A 79 -8.28 -8.21 -26.52
N ALA A 80 -8.46 -7.11 -25.79
CA ALA A 80 -8.56 -7.25 -24.32
C ALA A 80 -9.91 -7.89 -24.01
N LYS A 81 -9.90 -8.95 -23.19
CA LYS A 81 -11.15 -9.61 -22.86
C LYS A 81 -11.25 -9.97 -21.39
N TRP A 82 -12.49 -10.13 -20.95
CA TRP A 82 -12.82 -10.62 -19.61
C TRP A 82 -12.71 -12.14 -19.67
N SER A 83 -12.78 -12.86 -18.55
CA SER A 83 -12.63 -14.32 -18.54
C SER A 83 -13.83 -15.09 -19.09
N ASP A 84 -14.93 -14.39 -19.32
CA ASP A 84 -16.13 -14.99 -19.91
C ASP A 84 -16.09 -14.81 -21.43
N GLY A 85 -14.98 -14.33 -21.95
CA GLY A 85 -14.81 -14.09 -23.37
C GLY A 85 -15.31 -12.77 -23.90
N THR A 86 -15.99 -11.91 -23.13
CA THR A 86 -16.47 -10.63 -23.67
C THR A 86 -15.40 -9.56 -23.65
N PRO A 87 -15.47 -8.59 -24.54
CA PRO A 87 -14.44 -7.56 -24.65
C PRO A 87 -14.34 -6.66 -23.44
N VAL A 88 -13.15 -6.16 -23.12
CA VAL A 88 -13.01 -5.13 -22.10
C VAL A 88 -13.11 -3.84 -22.90
N THR A 89 -13.98 -2.92 -22.51
CA THR A 89 -14.12 -1.71 -23.32
C THR A 89 -13.88 -0.49 -22.45
N ALA A 90 -13.82 0.67 -23.10
CA ALA A 90 -13.72 1.93 -22.41
C ALA A 90 -14.96 2.18 -21.56
N HIS A 91 -16.12 1.62 -21.93
CA HIS A 91 -17.32 1.72 -21.10
C HIS A 91 -17.11 1.03 -19.75
N ASP A 92 -16.35 -0.08 -19.75
CA ASP A 92 -16.09 -0.73 -18.45
C ASP A 92 -15.33 0.22 -17.51
N PHE A 93 -14.35 0.96 -18.04
CA PHE A 93 -13.60 1.91 -17.23
C PHE A 93 -14.45 3.09 -16.80
N VAL A 94 -15.40 3.53 -17.66
CA VAL A 94 -16.25 4.66 -17.28
C VAL A 94 -17.09 4.23 -16.08
N TYR A 95 -17.72 3.09 -16.18
CA TYR A 95 -18.55 2.60 -15.07
C TYR A 95 -17.69 2.45 -13.80
N SER A 96 -16.56 1.78 -13.99
CA SER A 96 -15.69 1.49 -12.82
C SER A 96 -15.17 2.71 -12.10
N TRP A 97 -14.65 3.72 -12.83
CA TRP A 97 -14.18 4.92 -12.13
C TRP A 97 -15.36 5.66 -11.51
N GLN A 98 -16.55 5.59 -12.14
CA GLN A 98 -17.71 6.22 -11.50
C GLN A 98 -18.06 5.48 -10.20
N ARG A 99 -18.00 4.15 -10.21
CA ARG A 99 -18.35 3.38 -9.02
C ARG A 99 -17.32 3.72 -7.91
N LEU A 100 -16.06 3.83 -8.29
CA LEU A 100 -15.07 4.27 -7.31
C LEU A 100 -15.38 5.62 -6.69
N ALA A 101 -15.79 6.63 -7.46
CA ALA A 101 -16.07 7.96 -6.97
C ALA A 101 -17.34 8.09 -6.12
N ASP A 102 -18.32 7.25 -6.41
CA ASP A 102 -19.63 7.24 -5.80
C ASP A 102 -19.53 6.97 -4.30
N PRO A 103 -20.00 7.92 -3.51
CA PRO A 103 -20.01 7.80 -2.05
C PRO A 103 -20.74 6.57 -1.57
N ASN A 104 -21.77 6.08 -2.27
CA ASN A 104 -22.47 4.88 -1.87
C ASN A 104 -21.57 3.64 -1.93
N THR A 105 -20.48 3.68 -2.70
CA THR A 105 -19.54 2.56 -2.71
C THR A 105 -18.65 2.58 -1.46
N ALA A 106 -18.46 3.77 -0.90
CA ALA A 106 -17.69 3.93 0.33
C ALA A 106 -16.32 3.27 0.19
N SER A 107 -15.67 3.48 -0.96
CA SER A 107 -14.34 2.88 -1.14
C SER A 107 -13.36 3.62 -0.24
N PRO A 108 -12.40 2.88 0.32
CA PRO A 108 -11.30 3.49 1.06
C PRO A 108 -10.38 4.26 0.12
N TYR A 109 -10.46 3.94 -1.18
CA TYR A 109 -9.67 4.63 -2.17
C TYR A 109 -10.51 5.59 -3.02
N ALA A 110 -11.67 6.06 -2.58
CA ALA A 110 -12.40 7.11 -3.32
C ALA A 110 -11.51 8.31 -3.63
N SER A 111 -10.66 8.74 -2.71
CA SER A 111 -9.73 9.84 -2.92
C SER A 111 -8.63 9.61 -3.92
N TYR A 112 -8.45 8.41 -4.46
CA TYR A 112 -7.41 8.18 -5.48
C TYR A 112 -7.74 9.07 -6.68
N LEU A 113 -9.04 9.28 -6.94
CA LEU A 113 -9.49 10.15 -8.03
C LEU A 113 -9.21 11.61 -7.72
N GLN A 114 -9.11 12.05 -6.47
CA GLN A 114 -8.70 13.39 -6.11
C GLN A 114 -7.18 13.49 -6.27
N TYR A 115 -6.43 12.42 -5.95
CA TYR A 115 -4.97 12.43 -6.12
C TYR A 115 -4.61 12.66 -7.61
N GLY A 116 -5.45 12.09 -8.49
CA GLY A 116 -5.19 12.33 -9.91
C GLY A 116 -5.89 13.58 -10.41
N HIS A 117 -6.74 14.20 -9.59
CA HIS A 117 -7.49 15.40 -9.95
C HIS A 117 -8.45 15.26 -11.13
N ILE A 118 -9.13 14.13 -11.26
CA ILE A 118 -10.13 13.90 -12.28
C ILE A 118 -11.25 14.95 -12.07
N ALA A 119 -11.67 15.55 -13.19
CA ALA A 119 -12.65 16.65 -13.09
C ALA A 119 -13.87 16.28 -12.27
N ASN A 120 -14.38 17.20 -11.46
CA ASN A 120 -15.57 17.07 -10.66
C ASN A 120 -15.55 16.10 -9.47
N ILE A 121 -14.39 15.54 -9.16
CA ILE A 121 -14.34 14.52 -8.10
C ILE A 121 -14.71 15.06 -6.72
N ASP A 122 -14.27 16.23 -6.32
CA ASP A 122 -14.59 16.78 -4.99
C ASP A 122 -16.10 16.83 -4.79
N ASP A 123 -16.88 17.39 -5.71
CA ASP A 123 -18.33 17.46 -5.64
C ASP A 123 -19.03 16.11 -5.64
N ILE A 124 -18.49 15.15 -6.38
CA ILE A 124 -19.02 13.79 -6.36
C ILE A 124 -18.79 13.16 -5.01
N ILE A 125 -17.59 13.25 -4.44
CA ILE A 125 -17.38 12.64 -3.11
C ILE A 125 -18.30 13.27 -2.07
N ALA A 126 -18.52 14.58 -2.18
CA ALA A 126 -19.39 15.31 -1.25
C ALA A 126 -20.86 15.13 -1.48
N GLY A 127 -21.30 14.50 -2.56
CA GLY A 127 -22.69 14.26 -2.83
C GLY A 127 -23.39 15.41 -3.54
N LYS A 128 -22.62 16.38 -4.00
CA LYS A 128 -23.13 17.57 -4.67
C LYS A 128 -23.41 17.34 -6.14
N LYS A 129 -22.71 16.36 -6.73
CA LYS A 129 -22.89 15.97 -8.11
C LYS A 129 -22.96 14.46 -8.18
N PRO A 130 -23.72 13.94 -9.11
CA PRO A 130 -23.82 12.51 -9.32
C PRO A 130 -22.49 11.96 -9.86
N ALA A 131 -22.22 10.69 -9.66
CA ALA A 131 -20.95 10.07 -10.13
C ALA A 131 -20.82 10.11 -11.64
N THR A 132 -21.94 10.24 -12.36
CA THR A 132 -21.91 10.34 -13.83
C THR A 132 -21.32 11.64 -14.28
N ASP A 133 -21.10 12.62 -13.40
CA ASP A 133 -20.45 13.86 -13.83
C ASP A 133 -18.92 13.69 -13.79
N LEU A 134 -18.43 12.54 -13.36
CA LEU A 134 -16.96 12.36 -13.32
C LEU A 134 -16.32 12.67 -14.67
N GLY A 135 -15.14 13.28 -14.64
CA GLY A 135 -14.44 13.64 -15.88
C GLY A 135 -13.81 12.52 -16.66
N VAL A 136 -14.52 11.46 -17.01
CA VAL A 136 -14.10 10.36 -17.81
C VAL A 136 -15.14 10.12 -18.93
N LYS A 137 -14.69 9.70 -20.11
CA LYS A 137 -15.70 9.28 -21.11
C LYS A 137 -15.14 8.24 -22.06
N ALA A 138 -15.98 7.39 -22.61
CA ALA A 138 -15.57 6.44 -23.64
C ALA A 138 -15.83 7.15 -24.99
N LEU A 139 -14.78 7.43 -25.75
CA LEU A 139 -15.00 8.11 -27.04
C LEU A 139 -15.47 7.10 -28.08
N ASP A 140 -15.19 5.84 -27.83
CA ASP A 140 -15.64 4.67 -28.57
C ASP A 140 -15.37 3.47 -27.67
N ASP A 141 -15.61 2.26 -28.15
CA ASP A 141 -15.39 1.09 -27.29
C ASP A 141 -13.91 0.94 -26.95
N HIS A 142 -12.96 1.41 -27.75
CA HIS A 142 -11.55 1.20 -27.43
C HIS A 142 -10.80 2.47 -27.11
N THR A 143 -11.49 3.51 -26.66
CA THR A 143 -10.79 4.75 -26.37
C THR A 143 -11.35 5.40 -25.11
N PHE A 144 -10.49 5.47 -24.08
CA PHE A 144 -10.93 6.03 -22.80
C PHE A 144 -10.27 7.37 -22.59
N GLU A 145 -11.06 8.43 -22.36
CA GLU A 145 -10.53 9.77 -22.18
C GLU A 145 -10.82 10.34 -20.79
N VAL A 146 -9.74 10.78 -20.16
CA VAL A 146 -9.78 11.31 -18.82
C VAL A 146 -9.45 12.79 -18.83
N THR A 147 -10.28 13.58 -18.16
CA THR A 147 -10.01 15.02 -18.11
C THR A 147 -9.73 15.45 -16.67
N LEU A 148 -8.62 16.08 -16.42
CA LEU A 148 -8.26 16.54 -15.09
C LEU A 148 -8.54 18.03 -14.93
N SER A 149 -8.59 18.49 -13.67
CA SER A 149 -8.85 19.90 -13.41
C SER A 149 -7.58 20.74 -13.43
N GLU A 150 -6.41 20.12 -13.53
CA GLU A 150 -5.14 20.82 -13.62
C GLU A 150 -4.08 19.83 -14.11
N PRO A 151 -3.00 20.33 -14.68
CA PRO A 151 -1.95 19.50 -15.20
C PRO A 151 -1.32 18.61 -14.15
N VAL A 152 -1.25 17.31 -14.48
CA VAL A 152 -0.63 16.34 -13.59
C VAL A 152 0.35 15.51 -14.45
N PRO A 153 1.61 15.90 -14.50
CA PRO A 153 2.61 15.27 -15.33
C PRO A 153 2.86 13.80 -15.02
N TYR A 154 2.67 13.42 -13.76
CA TYR A 154 2.82 12.02 -13.34
C TYR A 154 1.51 11.25 -13.36
N PHE A 155 0.40 11.78 -13.91
CA PHE A 155 -0.88 11.11 -13.83
C PHE A 155 -0.86 9.64 -14.24
N TYR A 156 -0.27 9.31 -15.38
CA TYR A 156 -0.23 7.94 -15.84
C TYR A 156 0.42 7.02 -14.80
N LYS A 157 1.37 7.44 -14.00
CA LYS A 157 1.98 6.56 -12.97
C LYS A 157 0.95 6.06 -11.98
N LEU A 158 -0.13 6.80 -11.75
CA LEU A 158 -1.14 6.34 -10.79
C LEU A 158 -1.89 5.13 -11.27
N LEU A 159 -1.96 4.89 -12.59
CA LEU A 159 -2.88 3.96 -13.18
C LEU A 159 -2.61 2.48 -12.99
N VAL A 160 -1.48 2.07 -12.40
CA VAL A 160 -1.28 0.64 -12.17
C VAL A 160 -1.96 0.14 -10.88
N HIS A 161 -2.61 0.96 -10.10
CA HIS A 161 -3.22 0.69 -8.80
C HIS A 161 -4.57 0.03 -8.90
N PRO A 162 -4.91 -0.87 -7.98
CA PRO A 162 -6.12 -1.67 -8.09
C PRO A 162 -7.40 -0.87 -8.13
N SER A 163 -7.42 0.28 -7.47
CA SER A 163 -8.65 1.07 -7.38
C SER A 163 -9.12 1.55 -8.74
N VAL A 164 -8.21 1.72 -9.70
CA VAL A 164 -8.55 2.15 -11.05
C VAL A 164 -8.59 0.98 -12.03
N SER A 165 -8.66 -0.25 -11.53
CA SER A 165 -8.89 -1.41 -12.43
C SER A 165 -10.39 -1.47 -12.75
N PRO A 166 -10.74 -2.12 -13.85
CA PRO A 166 -12.14 -2.29 -14.21
C PRO A 166 -12.80 -3.38 -13.41
N VAL A 167 -14.13 -3.25 -13.24
CA VAL A 167 -14.92 -4.28 -12.58
C VAL A 167 -16.11 -4.57 -13.54
N PRO A 168 -16.60 -5.79 -13.52
CA PRO A 168 -17.67 -6.20 -14.45
C PRO A 168 -19.04 -5.78 -13.97
N LYS A 169 -19.59 -4.73 -14.56
CA LYS A 169 -20.89 -4.21 -14.15
C LYS A 169 -22.01 -5.23 -14.01
N SER A 170 -22.12 -6.13 -14.99
CA SER A 170 -23.24 -7.08 -14.95
C SER A 170 -23.13 -8.03 -13.77
N ALA A 171 -21.93 -8.47 -13.37
CA ALA A 171 -21.76 -9.31 -12.22
C ALA A 171 -22.02 -8.50 -10.95
N VAL A 172 -21.54 -7.26 -10.87
CA VAL A 172 -21.75 -6.43 -9.67
C VAL A 172 -23.25 -6.21 -9.47
N GLU A 173 -23.93 -5.84 -10.54
CA GLU A 173 -25.38 -5.62 -10.47
C GLU A 173 -26.21 -6.84 -10.17
N LYS A 174 -25.93 -7.98 -10.79
CA LYS A 174 -26.72 -9.17 -10.53
C LYS A 174 -26.43 -9.81 -9.18
N PHE A 175 -25.16 -9.86 -8.73
CA PHE A 175 -24.83 -10.54 -7.48
C PHE A 175 -24.48 -9.70 -6.26
N GLY A 176 -24.32 -8.41 -6.41
CA GLY A 176 -24.06 -7.51 -5.30
C GLY A 176 -22.77 -7.93 -4.60
N ASP A 177 -22.74 -7.92 -3.27
CA ASP A 177 -21.57 -8.32 -2.50
C ASP A 177 -21.05 -9.71 -2.81
N LYS A 178 -21.81 -10.62 -3.42
CA LYS A 178 -21.28 -11.93 -3.77
C LYS A 178 -20.75 -12.00 -5.19
N TRP A 179 -20.56 -10.86 -5.86
CA TRP A 179 -20.03 -10.94 -7.24
C TRP A 179 -18.63 -11.53 -7.31
N THR A 180 -17.85 -11.38 -6.22
CA THR A 180 -16.51 -11.94 -6.20
C THR A 180 -16.41 -13.42 -5.90
N GLN A 181 -17.50 -14.16 -5.62
CA GLN A 181 -17.42 -15.60 -5.42
C GLN A 181 -17.00 -16.26 -6.72
N PRO A 182 -16.33 -17.41 -6.66
CA PRO A 182 -15.81 -18.11 -7.82
C PRO A 182 -16.88 -18.30 -8.88
N ALA A 183 -18.10 -18.68 -8.45
CA ALA A 183 -19.19 -18.95 -9.40
C ALA A 183 -19.65 -17.72 -10.15
N ASN A 184 -19.45 -16.52 -9.57
CA ASN A 184 -19.97 -15.30 -10.15
C ASN A 184 -18.94 -14.38 -10.75
N ILE A 185 -17.72 -14.40 -10.23
CA ILE A 185 -16.72 -13.42 -10.66
C ILE A 185 -16.33 -13.54 -12.12
N VAL A 186 -16.05 -12.39 -12.72
CA VAL A 186 -15.50 -12.24 -14.05
C VAL A 186 -14.21 -11.43 -13.94
N THR A 187 -13.10 -11.85 -14.52
CA THR A 187 -11.82 -11.12 -14.34
C THR A 187 -11.11 -10.85 -15.64
N ASN A 188 -10.27 -9.82 -15.75
CA ASN A 188 -9.57 -9.55 -17.00
C ASN A 188 -8.05 -9.57 -16.91
N GLY A 189 -7.52 -10.02 -15.75
CA GLY A 189 -6.09 -10.17 -15.57
C GLY A 189 -5.65 -11.52 -16.12
N ALA A 190 -4.39 -11.92 -15.84
CA ALA A 190 -3.85 -13.15 -16.35
C ALA A 190 -4.47 -14.40 -15.70
N TYR A 191 -5.13 -14.25 -14.56
CA TYR A 191 -5.70 -15.34 -13.80
C TYR A 191 -7.21 -15.16 -13.54
N LYS A 192 -7.83 -16.27 -13.11
CA LYS A 192 -9.23 -16.33 -12.78
C LYS A 192 -9.32 -16.88 -11.36
N LEU A 193 -10.41 -16.58 -10.65
CA LEU A 193 -10.46 -17.16 -9.28
C LEU A 193 -10.98 -18.58 -9.35
N LYS A 194 -10.24 -19.56 -8.82
CA LYS A 194 -10.73 -20.93 -8.77
C LYS A 194 -11.38 -21.24 -7.44
N ASN A 195 -10.70 -20.94 -6.33
CA ASN A 195 -11.23 -21.28 -5.01
C ASN A 195 -10.90 -20.14 -4.01
N TRP A 196 -11.79 -19.94 -3.05
CA TRP A 196 -11.57 -18.93 -2.02
C TRP A 196 -12.14 -19.52 -0.72
N VAL A 197 -11.24 -20.04 0.11
CA VAL A 197 -11.56 -20.63 1.39
C VAL A 197 -11.05 -19.62 2.45
N VAL A 198 -11.96 -18.93 3.11
CA VAL A 198 -11.57 -17.84 4.03
C VAL A 198 -10.67 -18.37 5.14
N ASN A 199 -9.55 -17.71 5.35
CA ASN A 199 -8.57 -18.08 6.37
C ASN A 199 -7.87 -19.39 6.04
N GLU A 200 -7.92 -19.82 4.76
CA GLU A 200 -7.22 -21.03 4.37
C GLU A 200 -6.38 -20.77 3.12
N ARG A 201 -7.07 -20.47 2.02
CA ARG A 201 -6.33 -20.23 0.78
C ARG A 201 -7.19 -19.59 -0.30
N ILE A 202 -6.53 -18.87 -1.21
CA ILE A 202 -7.10 -18.34 -2.43
C ILE A 202 -6.37 -19.04 -3.58
N VAL A 203 -7.10 -19.67 -4.49
CA VAL A 203 -6.38 -20.37 -5.57
C VAL A 203 -6.77 -19.76 -6.91
N LEU A 204 -5.81 -19.26 -7.67
CA LEU A 204 -6.01 -18.66 -8.97
C LEU A 204 -5.54 -19.61 -10.09
N GLU A 205 -6.28 -19.62 -11.19
CA GLU A 205 -5.87 -20.46 -12.31
C GLU A 205 -5.80 -19.54 -13.55
N ARG A 206 -4.89 -19.91 -14.44
CA ARG A 206 -4.68 -19.09 -15.65
C ARG A 206 -5.96 -18.80 -16.40
N ASN A 207 -6.08 -17.56 -16.89
CA ASN A 207 -7.28 -17.12 -17.62
C ASN A 207 -6.95 -17.20 -19.11
N PRO A 208 -7.48 -18.15 -19.85
CA PRO A 208 -7.18 -18.30 -21.27
C PRO A 208 -7.61 -17.13 -22.14
N GLN A 209 -8.55 -16.34 -21.64
CA GLN A 209 -9.01 -15.16 -22.40
C GLN A 209 -8.12 -13.96 -22.25
N TYR A 210 -7.13 -14.01 -21.33
CA TYR A 210 -6.26 -12.85 -21.14
C TYR A 210 -5.55 -12.57 -22.46
N TRP A 211 -5.50 -11.31 -22.84
CA TRP A 211 -4.87 -10.91 -24.10
C TRP A 211 -3.44 -11.41 -24.22
N ASP A 212 -2.66 -11.41 -23.13
CA ASP A 212 -1.27 -11.85 -23.22
C ASP A 212 -1.06 -13.24 -22.65
N ASN A 213 -2.05 -14.09 -22.66
CA ASN A 213 -2.02 -15.44 -22.14
C ASN A 213 -0.91 -16.33 -22.68
N ALA A 214 -0.58 -16.23 -23.97
CA ALA A 214 0.52 -17.05 -24.50
C ALA A 214 1.83 -16.78 -23.78
N LYS A 215 2.09 -15.66 -23.13
CA LYS A 215 3.30 -15.41 -22.36
C LYS A 215 3.19 -15.82 -20.89
N THR A 216 2.00 -16.16 -20.41
CA THR A 216 1.83 -16.62 -19.04
C THR A 216 2.37 -18.04 -18.89
N VAL A 217 3.14 -18.28 -17.83
CA VAL A 217 3.78 -19.57 -17.63
C VAL A 217 3.17 -20.30 -16.43
N ILE A 218 3.01 -19.61 -15.30
CA ILE A 218 2.43 -20.29 -14.12
C ILE A 218 0.98 -20.61 -14.38
N ASN A 219 0.55 -21.87 -14.19
CA ASN A 219 -0.82 -22.25 -14.44
C ASN A 219 -1.76 -22.07 -13.26
N GLN A 220 -1.20 -22.09 -12.04
CA GLN A 220 -1.99 -21.94 -10.83
C GLN A 220 -1.12 -21.34 -9.73
N VAL A 221 -1.67 -20.34 -9.07
CA VAL A 221 -0.97 -19.78 -7.91
C VAL A 221 -1.94 -19.81 -6.73
N THR A 222 -1.43 -20.16 -5.56
CA THR A 222 -2.21 -20.20 -4.34
C THR A 222 -1.66 -19.10 -3.42
N TYR A 223 -2.55 -18.29 -2.88
CA TYR A 223 -2.18 -17.24 -1.93
C TYR A 223 -2.70 -17.66 -0.55
N LEU A 224 -1.82 -17.67 0.44
CA LEU A 224 -2.18 -18.10 1.79
C LEU A 224 -2.28 -16.87 2.69
N PRO A 225 -3.06 -17.00 3.77
CA PRO A 225 -3.36 -15.88 4.66
C PRO A 225 -2.64 -16.00 6.00
N ILE A 226 -1.40 -16.42 6.00
CA ILE A 226 -0.66 -16.63 7.27
C ILE A 226 -0.07 -15.35 7.81
N SER A 227 -0.52 -14.89 8.98
CA SER A 227 -0.07 -13.64 9.56
C SER A 227 1.16 -13.82 10.47
N SER A 228 1.45 -15.06 10.86
CA SER A 228 2.64 -15.36 11.63
C SER A 228 3.83 -15.48 10.68
N GLU A 229 4.79 -14.56 10.79
CA GLU A 229 5.98 -14.61 9.94
C GLU A 229 6.86 -15.83 10.21
N VAL A 230 6.87 -16.29 11.46
CA VAL A 230 7.60 -17.49 11.84
C VAL A 230 7.01 -18.69 11.12
N THR A 231 5.68 -18.81 11.15
CA THR A 231 4.96 -19.88 10.46
C THR A 231 5.18 -19.84 8.96
N ASP A 232 5.19 -18.62 8.42
CA ASP A 232 5.42 -18.47 6.97
C ASP A 232 6.78 -19.05 6.64
N VAL A 233 7.85 -18.60 7.31
CA VAL A 233 9.19 -19.13 7.11
C VAL A 233 9.17 -20.65 7.31
N ASN A 234 8.51 -21.16 8.36
CA ASN A 234 8.46 -22.60 8.61
C ASN A 234 7.86 -23.34 7.43
N ARG A 235 6.74 -22.90 6.86
CA ARG A 235 6.13 -23.59 5.73
C ARG A 235 6.86 -23.37 4.42
N TYR A 236 7.69 -22.35 4.33
CA TYR A 236 8.56 -22.17 3.18
C TYR A 236 9.68 -23.23 3.27
N ARG A 237 10.28 -23.33 4.48
CA ARG A 237 11.42 -24.25 4.63
C ARG A 237 11.00 -25.70 4.61
N SER A 238 9.74 -25.96 4.86
CA SER A 238 9.19 -27.32 4.82
C SER A 238 8.96 -27.73 3.38
N GLY A 239 8.89 -26.77 2.45
CA GLY A 239 8.64 -27.08 1.06
C GLY A 239 7.26 -26.63 0.56
N GLU A 240 6.34 -26.33 1.45
CA GLU A 240 4.98 -25.94 1.02
C GLU A 240 4.95 -24.57 0.32
N ILE A 241 5.67 -23.58 0.86
CA ILE A 241 5.59 -22.21 0.29
C ILE A 241 6.78 -21.92 -0.59
N ASP A 242 6.56 -21.33 -1.77
CA ASP A 242 7.66 -20.95 -2.66
C ASP A 242 8.15 -19.53 -2.43
N MET A 243 7.28 -18.61 -2.03
CA MET A 243 7.70 -17.24 -1.77
C MET A 243 7.00 -16.78 -0.49
N THR A 244 7.74 -16.42 0.55
CA THR A 244 7.05 -15.93 1.75
C THR A 244 6.46 -14.53 1.46
N TYR A 245 5.65 -14.06 2.40
CA TYR A 245 5.16 -12.69 2.44
C TYR A 245 6.37 -11.86 2.86
N ASN A 246 6.40 -10.55 2.59
CA ASN A 246 7.57 -9.74 2.90
C ASN A 246 7.36 -8.95 4.18
N ASN A 247 7.28 -9.68 5.25
CA ASN A 247 7.26 -9.30 6.65
C ASN A 247 8.13 -10.42 7.25
N MET A 248 9.28 -10.11 7.83
CA MET A 248 10.15 -11.19 8.34
C MET A 248 10.15 -11.27 9.87
N PRO A 249 10.18 -12.47 10.43
CA PRO A 249 10.14 -12.66 11.87
C PRO A 249 11.46 -12.37 12.60
N ILE A 250 11.35 -11.77 13.78
CA ILE A 250 12.55 -11.46 14.57
C ILE A 250 13.16 -12.75 15.07
N GLU A 251 12.33 -13.77 15.36
CA GLU A 251 12.82 -15.01 15.90
C GLU A 251 13.89 -15.73 15.09
N LEU A 252 13.72 -15.74 13.77
CA LEU A 252 14.56 -16.54 12.87
C LEU A 252 15.42 -15.83 11.84
N PHE A 253 15.17 -14.57 11.52
CA PHE A 253 15.88 -13.87 10.45
C PHE A 253 17.40 -13.93 10.53
N GLN A 254 17.92 -13.69 11.75
CA GLN A 254 19.39 -13.75 11.87
C GLN A 254 19.84 -15.12 11.36
N LYS A 255 19.29 -16.20 11.89
CA LYS A 255 19.58 -17.55 11.46
C LYS A 255 19.44 -17.77 9.96
N LEU A 256 18.30 -17.37 9.35
CA LEU A 256 18.07 -17.48 7.93
C LEU A 256 19.14 -16.84 7.05
N LYS A 257 19.65 -15.70 7.50
CA LYS A 257 20.70 -15.00 6.76
C LYS A 257 21.95 -15.87 6.60
N LYS A 258 22.29 -16.55 7.70
CA LYS A 258 23.48 -17.40 7.69
C LYS A 258 23.19 -18.75 7.05
N GLU A 259 21.98 -19.28 7.26
CA GLU A 259 21.62 -20.58 6.73
C GLU A 259 21.33 -20.60 5.25
N ILE A 260 20.50 -19.68 4.71
CA ILE A 260 20.15 -19.73 3.29
C ILE A 260 20.26 -18.36 2.62
N PRO A 261 21.45 -17.78 2.52
CA PRO A 261 21.72 -16.48 1.99
C PRO A 261 21.18 -16.17 0.61
N ASN A 262 21.29 -17.07 -0.34
CA ASN A 262 20.83 -16.96 -1.69
C ASN A 262 19.30 -16.83 -1.80
N GLU A 263 18.57 -17.40 -0.83
CA GLU A 263 17.11 -17.31 -0.82
C GLU A 263 16.55 -16.08 -0.18
N VAL A 264 17.35 -15.33 0.57
CA VAL A 264 16.93 -14.16 1.31
C VAL A 264 17.10 -12.95 0.39
N ARG A 265 15.98 -12.47 -0.13
CA ARG A 265 15.99 -11.31 -1.04
C ARG A 265 15.77 -10.07 -0.20
N VAL A 266 16.64 -9.05 -0.31
CA VAL A 266 16.46 -7.84 0.50
C VAL A 266 16.61 -6.67 -0.47
N ASP A 267 15.53 -6.00 -0.81
CA ASP A 267 15.60 -4.90 -1.80
C ASP A 267 14.94 -3.63 -1.32
N PRO A 268 15.21 -2.53 -2.01
CA PRO A 268 14.62 -1.26 -1.66
C PRO A 268 13.09 -1.31 -1.69
N TYR A 269 12.48 -0.60 -0.76
CA TYR A 269 10.98 -0.68 -0.70
C TYR A 269 10.45 0.66 -0.26
N LEU A 270 9.50 1.22 -1.01
CA LEU A 270 8.99 2.55 -0.68
C LEU A 270 7.84 2.47 0.30
N CYS A 271 8.21 2.10 1.55
CA CYS A 271 7.17 1.98 2.59
C CYS A 271 7.74 2.51 3.90
N THR A 272 6.88 3.05 4.75
CA THR A 272 7.33 3.58 6.02
C THR A 272 6.55 2.93 7.16
N TYR A 273 7.28 2.42 8.16
CA TYR A 273 6.68 1.82 9.37
C TYR A 273 6.57 2.97 10.39
N TYR A 274 5.41 3.14 10.99
CA TYR A 274 5.21 4.23 11.95
C TYR A 274 4.12 3.92 12.94
N TYR A 275 4.05 4.69 14.04
CA TYR A 275 2.94 4.52 14.98
C TYR A 275 2.00 5.65 14.63
N GLU A 276 0.81 5.28 14.15
CA GLU A 276 -0.21 6.27 13.79
C GLU A 276 -0.93 6.76 15.05
N ILE A 277 -1.02 8.07 15.23
CA ILE A 277 -1.73 8.63 16.40
C ILE A 277 -3.10 9.11 15.96
N ASN A 278 -4.16 8.84 16.73
CA ASN A 278 -5.48 9.37 16.35
C ASN A 278 -5.48 10.84 16.75
N ASN A 279 -5.30 11.73 15.78
CA ASN A 279 -5.17 13.15 16.06
C ASN A 279 -6.43 13.85 16.54
N GLN A 280 -7.60 13.22 16.42
CA GLN A 280 -8.82 13.87 16.87
C GLN A 280 -9.30 13.36 18.22
N LYS A 281 -8.53 12.50 18.88
CA LYS A 281 -8.96 11.99 20.18
C LYS A 281 -8.06 12.48 21.31
N ALA A 282 -8.66 13.22 22.26
CA ALA A 282 -7.90 13.66 23.44
C ALA A 282 -7.44 12.41 24.17
N PRO A 283 -6.25 12.44 24.75
CA PRO A 283 -5.38 13.59 24.78
C PRO A 283 -4.41 13.73 23.61
N PHE A 284 -4.60 12.94 22.56
CA PHE A 284 -3.70 12.92 21.42
C PHE A 284 -3.90 14.10 20.48
N ASN A 285 -4.88 14.95 20.77
CA ASN A 285 -5.11 16.18 20.06
C ASN A 285 -4.21 17.30 20.60
N ASP A 286 -3.41 17.02 21.61
CA ASP A 286 -2.43 17.97 22.13
C ASP A 286 -1.08 17.69 21.48
N VAL A 287 -0.51 18.64 20.72
CA VAL A 287 0.78 18.41 20.07
C VAL A 287 1.92 18.01 20.98
N ARG A 288 1.89 18.47 22.24
CA ARG A 288 2.92 18.15 23.21
C ARG A 288 2.99 16.66 23.48
N VAL A 289 1.84 16.01 23.56
CA VAL A 289 1.79 14.57 23.82
C VAL A 289 2.34 13.80 22.63
N ARG A 290 1.88 14.21 21.44
CA ARG A 290 2.30 13.53 20.23
C ARG A 290 3.80 13.70 20.02
N THR A 291 4.31 14.92 20.22
CA THR A 291 5.74 15.17 20.11
C THR A 291 6.54 14.34 21.09
N ALA A 292 6.07 14.20 22.34
CA ALA A 292 6.72 13.40 23.36
C ALA A 292 6.84 11.94 22.94
N LEU A 293 5.73 11.37 22.43
CA LEU A 293 5.78 9.97 21.96
C LEU A 293 6.74 9.83 20.79
N LYS A 294 6.79 10.82 19.91
CA LYS A 294 7.67 10.71 18.73
C LYS A 294 9.14 10.71 19.14
N LEU A 295 9.49 11.63 20.03
CA LEU A 295 10.86 11.79 20.52
C LEU A 295 11.35 10.71 21.45
N ALA A 296 10.51 10.16 22.33
CA ALA A 296 10.95 9.15 23.28
C ALA A 296 11.13 7.77 22.70
N LEU A 297 10.59 7.58 21.47
CA LEU A 297 10.79 6.27 20.84
C LEU A 297 12.26 6.23 20.42
N ASP A 298 13.00 5.21 20.82
CA ASP A 298 14.41 5.08 20.43
C ASP A 298 14.54 4.23 19.18
N ARG A 299 14.65 4.87 18.02
CA ARG A 299 14.75 4.16 16.75
C ARG A 299 15.99 3.30 16.60
N ASP A 300 17.10 3.74 17.18
CA ASP A 300 18.35 2.98 17.09
C ASP A 300 18.13 1.63 17.75
N ILE A 301 17.44 1.59 18.89
CA ILE A 301 17.20 0.30 19.55
C ILE A 301 16.26 -0.58 18.72
N ILE A 302 15.15 0.03 18.31
CA ILE A 302 14.18 -0.75 17.52
C ILE A 302 14.79 -1.22 16.20
N VAL A 303 15.32 -0.28 15.44
CA VAL A 303 15.86 -0.63 14.13
C VAL A 303 17.11 -1.46 14.14
N ASN A 304 18.12 -1.12 14.94
CA ASN A 304 19.38 -1.85 14.94
C ASN A 304 19.56 -2.92 15.99
N LYS A 305 18.81 -2.87 17.09
CA LYS A 305 18.99 -3.89 18.13
C LYS A 305 17.87 -4.93 18.12
N VAL A 306 16.62 -4.49 18.23
CA VAL A 306 15.50 -5.42 18.29
C VAL A 306 15.12 -6.03 16.95
N LYS A 307 15.16 -5.30 15.86
CA LYS A 307 14.76 -5.83 14.55
C LYS A 307 15.97 -6.20 13.73
N ASN A 308 16.89 -5.27 13.53
CA ASN A 308 18.12 -5.47 12.77
C ASN A 308 17.96 -6.27 11.48
N GLN A 309 17.12 -5.79 10.56
CA GLN A 309 16.87 -6.45 9.29
C GLN A 309 17.25 -5.56 8.10
N GLY A 310 18.01 -4.50 8.35
CA GLY A 310 18.42 -3.60 7.29
C GLY A 310 17.53 -2.36 7.14
N ASP A 311 16.57 -2.18 8.04
CA ASP A 311 15.67 -1.03 7.99
C ASP A 311 16.43 0.23 8.39
N LEU A 312 16.02 1.38 7.87
CA LEU A 312 16.66 2.64 8.20
C LEU A 312 15.78 3.42 9.15
N PRO A 313 16.33 3.99 10.20
CA PRO A 313 15.56 4.84 11.13
C PRO A 313 14.91 5.98 10.38
N ALA A 314 13.63 6.23 10.67
CA ALA A 314 12.82 7.19 9.96
C ALA A 314 12.54 8.48 10.71
N TYR A 315 12.47 9.58 9.97
CA TYR A 315 12.23 10.90 10.56
C TYR A 315 11.13 11.60 9.75
N SER A 316 10.62 10.90 8.73
CA SER A 316 9.54 11.52 7.92
C SER A 316 8.50 10.45 7.57
N TYR A 317 7.44 10.87 6.88
CA TYR A 317 6.40 9.91 6.44
C TYR A 317 6.80 9.42 5.05
N THR A 318 6.93 10.34 4.10
CA THR A 318 7.43 9.96 2.78
C THR A 318 8.88 9.43 2.88
N PRO A 319 9.20 8.29 2.31
CA PRO A 319 10.54 7.73 2.33
C PRO A 319 11.41 8.70 1.56
N PRO A 320 12.62 8.98 2.07
CA PRO A 320 13.51 9.94 1.44
C PRO A 320 14.02 9.50 0.10
N TYR A 321 13.87 8.24 -0.28
CA TYR A 321 14.36 7.78 -1.58
C TYR A 321 13.24 7.69 -2.62
N THR A 322 12.08 8.22 -2.25
CA THR A 322 10.95 8.32 -3.20
C THR A 322 11.43 9.24 -4.33
N ASP A 323 11.05 8.91 -5.57
CA ASP A 323 11.43 9.80 -6.70
C ASP A 323 10.78 11.16 -6.50
N GLY A 324 11.61 12.19 -6.34
CA GLY A 324 11.04 13.54 -6.13
C GLY A 324 11.21 14.02 -4.69
N ALA A 325 11.65 13.13 -3.79
CA ALA A 325 11.82 13.51 -2.41
C ALA A 325 13.24 14.11 -2.21
N LYS A 326 13.22 15.27 -1.60
CA LYS A 326 14.42 16.01 -1.23
C LYS A 326 14.17 16.57 0.16
N LEU A 327 14.08 15.65 1.16
CA LEU A 327 13.61 16.02 2.48
C LEU A 327 14.64 16.61 3.43
N VAL A 328 14.20 17.50 4.30
CA VAL A 328 15.09 18.08 5.30
C VAL A 328 15.04 17.27 6.58
N GLU A 329 16.15 16.70 6.99
CA GLU A 329 16.22 15.91 8.23
C GLU A 329 16.10 16.88 9.39
N PRO A 330 15.10 16.64 10.24
CA PRO A 330 14.85 17.52 11.37
C PRO A 330 15.96 17.45 12.39
N GLU A 331 16.17 18.52 13.14
CA GLU A 331 17.18 18.58 14.19
C GLU A 331 17.00 17.55 15.29
N TRP A 332 15.74 17.22 15.70
CA TRP A 332 15.53 16.23 16.73
C TRP A 332 16.08 14.86 16.37
N PHE A 333 16.12 14.50 15.09
CA PHE A 333 16.65 13.19 14.69
C PHE A 333 18.17 13.10 14.88
N LYS A 334 18.89 14.21 14.82
CA LYS A 334 20.35 14.21 15.01
C LYS A 334 20.77 14.22 16.47
N TRP A 335 19.87 14.67 17.35
CA TRP A 335 20.19 14.65 18.77
C TRP A 335 20.51 13.25 19.27
N SER A 336 21.00 13.20 20.52
CA SER A 336 21.24 11.93 21.20
C SER A 336 19.85 11.50 21.73
N GLN A 337 19.67 10.23 22.04
CA GLN A 337 18.38 9.78 22.59
C GLN A 337 18.11 10.37 23.96
N GLN A 338 19.16 10.59 24.75
CA GLN A 338 18.99 11.21 26.08
C GLN A 338 18.40 12.58 25.91
N LYS A 339 18.90 13.36 24.92
CA LYS A 339 18.32 14.70 24.74
C LYS A 339 16.88 14.63 24.28
N ARG A 340 16.55 13.65 23.39
CA ARG A 340 15.17 13.45 22.98
C ARG A 340 14.30 13.06 24.18
N ASN A 341 14.79 12.19 25.07
CA ASN A 341 14.02 11.77 26.23
C ASN A 341 13.69 12.94 27.16
N GLU A 342 14.67 13.81 27.43
CA GLU A 342 14.39 14.97 28.31
C GLU A 342 13.35 15.89 27.72
N GLU A 343 13.46 16.17 26.41
CA GLU A 343 12.50 17.05 25.75
C GLU A 343 11.09 16.45 25.86
N ALA A 344 11.00 15.15 25.61
CA ALA A 344 9.72 14.42 25.68
C ALA A 344 9.12 14.50 27.08
N LYS A 345 9.92 14.16 28.08
CA LYS A 345 9.46 14.24 29.47
C LYS A 345 8.97 15.65 29.80
N LYS A 346 9.69 16.66 29.36
CA LYS A 346 9.31 18.06 29.58
C LYS A 346 7.98 18.42 28.94
N LEU A 347 7.71 18.01 27.70
CA LEU A 347 6.42 18.32 27.07
C LEU A 347 5.29 17.55 27.75
N LEU A 348 5.56 16.31 28.16
CA LEU A 348 4.55 15.53 28.85
C LEU A 348 4.14 16.18 30.17
N ALA A 349 5.12 16.67 30.94
CA ALA A 349 4.80 17.34 32.20
C ALA A 349 4.03 18.62 31.91
N GLU A 350 4.41 19.35 30.85
CA GLU A 350 3.66 20.52 30.44
C GLU A 350 2.22 20.20 30.03
N ALA A 351 1.97 18.99 29.51
CA ALA A 351 0.61 18.62 29.12
C ALA A 351 -0.23 18.10 30.28
N GLY A 352 0.31 18.04 31.49
CA GLY A 352 -0.42 17.69 32.68
C GLY A 352 -0.27 16.29 33.20
N PHE A 353 0.72 15.54 32.72
CA PHE A 353 0.93 14.18 33.18
C PHE A 353 1.99 14.11 34.27
N THR A 354 1.70 13.34 35.32
CA THR A 354 2.58 13.20 36.48
C THR A 354 2.79 11.74 36.83
N ALA A 355 3.58 11.46 37.88
CA ALA A 355 3.74 10.06 38.29
C ALA A 355 2.43 9.57 38.89
N ASP A 356 1.72 10.46 39.58
CA ASP A 356 0.44 10.16 40.20
C ASP A 356 -0.61 9.98 39.12
N LYS A 357 -0.58 10.78 38.06
CA LYS A 357 -1.54 10.68 36.96
C LYS A 357 -0.84 10.52 35.61
N PRO A 358 -0.30 9.34 35.34
CA PRO A 358 0.45 9.08 34.12
C PRO A 358 -0.43 8.92 32.88
N LEU A 359 0.22 9.00 31.73
CA LEU A 359 -0.43 8.84 30.45
C LEU A 359 -0.54 7.33 30.15
N THR A 360 -1.77 6.89 29.99
CA THR A 360 -2.06 5.48 29.73
C THR A 360 -2.97 5.36 28.51
N PHE A 361 -2.57 4.53 27.55
CA PHE A 361 -3.35 4.41 26.31
C PHE A 361 -3.11 3.09 25.59
N ASP A 362 -3.93 2.83 24.57
CA ASP A 362 -3.84 1.60 23.82
C ASP A 362 -2.90 1.66 22.62
N LEU A 363 -2.30 0.52 22.31
CA LEU A 363 -1.42 0.42 21.13
C LEU A 363 -2.00 -0.78 20.36
N LEU A 364 -2.67 -0.40 19.29
CA LEU A 364 -3.34 -1.39 18.46
C LEU A 364 -2.43 -1.88 17.34
N TYR A 365 -2.37 -3.19 17.13
CA TYR A 365 -1.58 -3.69 16.01
C TYR A 365 -2.31 -4.85 15.34
N ASN A 366 -2.02 -5.15 14.08
CA ASN A 366 -2.61 -6.33 13.44
C ASN A 366 -1.78 -7.55 13.82
N THR A 367 -2.46 -8.64 14.19
CA THR A 367 -1.84 -9.92 14.49
C THR A 367 -0.61 -10.23 13.67
N SER A 368 0.51 -10.51 14.32
CA SER A 368 1.77 -10.70 13.62
C SER A 368 2.91 -10.91 14.61
N ASP A 369 3.87 -11.77 14.28
CA ASP A 369 5.00 -11.94 15.21
C ASP A 369 5.80 -10.65 15.28
N LEU A 370 6.11 -10.14 14.08
CA LEU A 370 6.86 -8.91 13.97
C LEU A 370 6.21 -7.74 14.73
N HIS A 371 4.95 -7.46 14.45
CA HIS A 371 4.29 -6.31 15.07
C HIS A 371 4.18 -6.48 16.57
N LYS A 372 3.87 -7.70 17.01
CA LYS A 372 3.75 -7.90 18.46
C LYS A 372 5.11 -7.65 19.14
N LYS A 373 6.16 -8.28 18.61
CA LYS A 373 7.50 -8.08 19.25
C LYS A 373 7.93 -6.63 19.22
N LEU A 374 7.72 -5.93 18.10
CA LEU A 374 7.96 -4.50 18.04
C LEU A 374 7.09 -3.68 18.99
N ALA A 375 5.82 -4.02 19.16
CA ALA A 375 4.95 -3.25 20.06
C ALA A 375 5.38 -3.49 21.52
N ILE A 376 5.82 -4.71 21.85
CA ILE A 376 6.30 -4.99 23.21
C ILE A 376 7.56 -4.18 23.51
N ALA A 377 8.47 -4.08 22.55
CA ALA A 377 9.69 -3.29 22.70
C ALA A 377 9.37 -1.81 22.80
N VAL A 378 8.45 -1.31 21.98
CA VAL A 378 8.04 0.09 22.02
C VAL A 378 7.34 0.39 23.34
N ALA A 379 6.43 -0.47 23.79
CA ALA A 379 5.80 -0.26 25.11
C ALA A 379 6.89 -0.13 26.21
N SER A 380 7.87 -1.02 26.22
CA SER A 380 8.96 -0.97 27.22
C SER A 380 9.73 0.34 27.14
N ILE A 381 10.15 0.68 25.91
CA ILE A 381 10.91 1.91 25.67
C ILE A 381 10.14 3.15 26.12
N TRP A 382 8.85 3.23 25.82
CA TRP A 382 8.09 4.40 26.23
C TRP A 382 7.91 4.42 27.76
N LYS A 383 7.78 3.24 28.36
CA LYS A 383 7.62 3.15 29.82
C LYS A 383 8.90 3.65 30.48
N LYS A 384 10.04 3.12 30.07
CA LYS A 384 11.35 3.45 30.56
C LYS A 384 11.78 4.88 30.25
N ASN A 385 11.57 5.32 29.00
CA ASN A 385 12.03 6.64 28.61
C ASN A 385 11.09 7.77 28.99
N LEU A 386 9.78 7.48 29.04
CA LEU A 386 8.83 8.57 29.26
C LEU A 386 7.82 8.39 30.35
N GLY A 387 7.77 7.19 30.97
CA GLY A 387 6.79 6.99 32.03
C GLY A 387 5.37 6.72 31.58
N VAL A 388 5.14 6.33 30.32
CA VAL A 388 3.77 6.06 29.86
C VAL A 388 3.47 4.57 29.86
N ASN A 389 2.22 4.23 30.11
CA ASN A 389 1.73 2.86 30.16
C ASN A 389 0.90 2.58 28.90
N VAL A 390 1.22 1.44 28.29
CA VAL A 390 0.54 1.12 27.02
C VAL A 390 -0.11 -0.24 27.17
N ASN A 391 -1.33 -0.35 26.67
CA ASN A 391 -2.04 -1.63 26.68
C ASN A 391 -2.10 -2.09 25.21
N LEU A 392 -1.41 -3.16 24.94
CA LEU A 392 -1.35 -3.71 23.60
C LEU A 392 -2.65 -4.43 23.26
N GLU A 393 -3.12 -4.19 22.02
CA GLU A 393 -4.29 -4.94 21.55
C GLU A 393 -4.03 -5.46 20.14
N ASN A 394 -4.28 -6.73 19.83
CA ASN A 394 -4.12 -7.21 18.47
C ASN A 394 -5.49 -7.38 17.81
N GLN A 395 -5.59 -7.11 16.52
CA GLN A 395 -6.81 -7.39 15.77
C GLN A 395 -6.40 -8.02 14.42
N GLU A 396 -7.27 -8.83 13.83
CA GLU A 396 -6.95 -9.38 12.50
C GLU A 396 -6.96 -8.24 11.48
N TRP A 397 -6.18 -8.37 10.42
CA TRP A 397 -6.01 -7.33 9.43
C TRP A 397 -7.25 -6.56 8.99
N LYS A 398 -8.29 -7.28 8.49
CA LYS A 398 -9.47 -6.56 8.00
C LYS A 398 -10.10 -5.70 9.10
N THR A 399 -10.24 -6.28 10.29
CA THR A 399 -10.82 -5.55 11.42
C THR A 399 -9.99 -4.36 11.84
N PHE A 400 -8.68 -4.57 11.95
CA PHE A 400 -7.70 -3.52 12.25
C PHE A 400 -7.85 -2.34 11.30
N LEU A 401 -7.93 -2.53 9.98
CA LEU A 401 -8.08 -1.40 9.08
C LEU A 401 -9.39 -0.65 9.32
N ASP A 402 -10.46 -1.41 9.56
CA ASP A 402 -11.75 -0.78 9.81
C ASP A 402 -11.69 0.05 11.09
N THR A 403 -11.05 -0.48 12.11
CA THR A 403 -10.92 0.25 13.39
C THR A 403 -10.21 1.59 13.18
N ARG A 404 -9.15 1.60 12.39
CA ARG A 404 -8.42 2.85 12.12
C ARG A 404 -9.29 3.81 11.34
N HIS A 405 -10.06 3.35 10.36
CA HIS A 405 -10.94 4.26 9.65
C HIS A 405 -12.02 4.79 10.60
N GLN A 406 -12.50 3.93 11.50
CA GLN A 406 -13.55 4.38 12.42
C GLN A 406 -13.03 5.41 13.42
N GLY A 407 -11.73 5.35 13.73
CA GLY A 407 -11.20 6.30 14.71
C GLY A 407 -11.47 5.66 16.08
N THR A 408 -11.66 4.31 16.19
CA THR A 408 -11.87 3.82 17.57
C THR A 408 -10.57 3.29 18.17
N PHE A 409 -9.62 4.24 18.29
CA PHE A 409 -8.30 3.93 18.80
C PHE A 409 -7.55 5.17 19.28
N ASP A 410 -6.43 4.86 19.93
CA ASP A 410 -5.51 5.84 20.50
C ASP A 410 -4.29 5.92 19.60
N VAL A 411 -3.44 4.90 19.64
CA VAL A 411 -2.25 4.78 18.81
C VAL A 411 -2.34 3.44 18.08
N ALA A 412 -1.95 3.41 16.81
CA ALA A 412 -1.96 2.15 16.09
C ALA A 412 -0.69 1.96 15.30
N ARG A 413 -0.21 0.73 15.28
CA ARG A 413 0.91 0.34 14.42
C ARG A 413 0.43 0.62 13.00
N ALA A 414 1.28 1.10 12.09
CA ALA A 414 0.85 1.48 10.76
C ALA A 414 1.98 1.37 9.75
N GLY A 415 1.60 1.31 8.50
CA GLY A 415 2.61 1.20 7.45
C GLY A 415 1.95 1.62 6.15
N TRP A 416 2.61 2.54 5.48
CA TRP A 416 2.07 2.93 4.16
C TRP A 416 3.12 2.64 3.11
N CYS A 417 2.71 2.04 2.00
CA CYS A 417 3.61 1.78 0.87
C CYS A 417 3.08 2.59 -0.33
N ALA A 418 3.98 3.17 -1.09
CA ALA A 418 3.64 4.00 -2.24
C ALA A 418 2.76 3.22 -3.23
N ASP A 419 1.86 3.97 -3.86
CA ASP A 419 1.01 3.38 -4.91
C ASP A 419 1.60 3.76 -6.27
N TYR A 420 2.25 4.91 -6.28
CA TYR A 420 3.00 5.38 -7.46
C TYR A 420 4.24 6.06 -6.91
N ASN A 421 5.36 6.06 -7.67
CA ASN A 421 6.58 6.59 -7.09
C ASN A 421 6.73 8.10 -7.25
N GLU A 422 6.17 8.83 -6.29
CA GLU A 422 6.14 10.32 -6.29
C GLU A 422 5.67 10.64 -4.91
N PRO A 423 6.20 11.64 -4.25
CA PRO A 423 5.88 11.98 -2.88
C PRO A 423 4.40 12.16 -2.56
N THR A 424 3.59 12.62 -3.51
CA THR A 424 2.15 12.79 -3.19
C THR A 424 1.49 11.46 -2.94
N SER A 425 2.03 10.35 -3.43
CA SER A 425 1.43 9.03 -3.09
C SER A 425 1.41 8.84 -1.57
N PHE A 426 2.38 9.40 -0.86
CA PHE A 426 2.30 9.42 0.61
C PHE A 426 1.53 10.65 1.08
N LEU A 427 1.98 11.85 0.66
CA LEU A 427 1.48 13.09 1.22
C LEU A 427 -0.03 13.30 1.10
N ASN A 428 -0.63 12.83 0.02
CA ASN A 428 -2.05 13.01 -0.22
C ASN A 428 -2.94 12.28 0.79
N THR A 429 -2.38 11.28 1.48
CA THR A 429 -3.12 10.55 2.50
C THR A 429 -3.30 11.34 3.79
N MET A 430 -2.58 12.45 3.93
CA MET A 430 -2.68 13.28 5.12
C MET A 430 -3.51 14.56 4.88
N LEU A 431 -4.08 14.67 3.69
CA LEU A 431 -4.98 15.79 3.36
C LEU A 431 -6.20 15.64 4.24
N SER A 432 -6.83 16.77 4.63
CA SER A 432 -7.96 16.73 5.55
C SER A 432 -9.09 15.80 5.14
N ASP A 433 -9.44 15.83 3.87
CA ASP A 433 -10.53 15.06 3.33
C ASP A 433 -10.15 13.76 2.64
N SER A 434 -8.93 13.27 2.79
CA SER A 434 -8.54 12.02 2.14
C SER A 434 -9.24 10.82 2.69
N SER A 435 -9.81 9.95 1.85
CA SER A 435 -10.41 8.71 2.27
C SER A 435 -9.38 7.78 2.91
N ASN A 436 -8.06 7.97 2.70
CA ASN A 436 -7.00 7.22 3.32
C ASN A 436 -6.45 7.88 4.59
N ASN A 437 -7.04 8.97 5.09
CA ASN A 437 -6.47 9.60 6.29
C ASN A 437 -6.96 8.90 7.56
N THR A 438 -6.22 7.89 8.01
CA THR A 438 -6.55 7.17 9.24
C THR A 438 -5.87 7.82 10.45
N ALA A 439 -5.02 8.82 10.21
CA ALA A 439 -4.41 9.60 11.29
C ALA A 439 -5.45 10.59 11.82
N HIS A 440 -6.45 10.90 11.02
CA HIS A 440 -7.52 11.84 11.30
C HIS A 440 -6.88 13.19 11.59
N TYR A 441 -5.88 13.51 10.75
CA TYR A 441 -5.12 14.74 10.83
C TYR A 441 -5.75 15.72 9.84
N LYS A 442 -5.95 16.95 10.28
CA LYS A 442 -6.58 17.97 9.45
C LYS A 442 -5.85 19.28 9.68
N SER A 443 -4.98 19.64 8.76
CA SER A 443 -4.20 20.86 8.82
C SER A 443 -4.40 21.65 7.54
N PRO A 444 -5.08 22.79 7.66
CA PRO A 444 -5.24 23.69 6.52
C PRO A 444 -3.89 24.11 5.97
N ALA A 445 -2.87 24.34 6.79
CA ALA A 445 -1.55 24.73 6.25
C ALA A 445 -0.96 23.56 5.43
N PHE A 446 -1.07 22.32 5.92
CA PHE A 446 -0.55 21.17 5.15
C PHE A 446 -1.34 21.05 3.86
N ASP A 447 -2.70 21.15 3.91
CA ASP A 447 -3.49 21.04 2.72
C ASP A 447 -3.05 22.04 1.63
N LYS A 448 -2.84 23.28 2.07
CA LYS A 448 -2.44 24.33 1.13
C LYS A 448 -1.09 24.04 0.46
N LEU A 449 -0.11 23.56 1.24
CA LEU A 449 1.18 23.24 0.62
C LEU A 449 1.03 22.22 -0.50
N ILE A 450 0.25 21.16 -0.30
CA ILE A 450 0.06 20.15 -1.35
C ILE A 450 -0.74 20.71 -2.52
N ALA A 451 -1.77 21.52 -2.28
CA ALA A 451 -2.55 22.16 -3.33
C ALA A 451 -1.67 22.97 -4.29
N ASP A 452 -0.69 23.67 -3.72
CA ASP A 452 0.25 24.49 -4.40
C ASP A 452 1.21 23.70 -5.27
N THR A 453 1.43 22.41 -5.05
CA THR A 453 2.32 21.62 -5.83
C THR A 453 1.92 21.52 -7.29
N LEU A 454 0.63 21.63 -7.62
CA LEU A 454 0.25 21.52 -9.02
C LEU A 454 -0.06 22.90 -9.62
N LYS A 455 0.21 23.95 -8.84
CA LYS A 455 0.03 25.31 -9.31
C LYS A 455 1.33 25.89 -9.85
N VAL A 456 2.43 25.19 -9.61
CA VAL A 456 3.74 25.52 -10.17
C VAL A 456 3.99 24.52 -11.30
N ALA A 457 4.90 24.77 -12.23
CA ALA A 457 5.18 23.84 -13.32
C ALA A 457 6.69 23.56 -13.28
N ASP A 458 7.14 23.43 -12.05
CA ASP A 458 8.56 23.21 -11.75
C ASP A 458 8.75 22.12 -10.72
N ASP A 459 9.57 21.11 -11.07
CA ASP A 459 9.85 20.00 -10.18
C ASP A 459 10.70 20.43 -9.00
N THR A 460 11.53 21.46 -9.16
CA THR A 460 12.30 22.00 -8.05
C THR A 460 11.38 22.65 -7.02
N GLN A 461 10.41 23.44 -7.50
CA GLN A 461 9.47 24.07 -6.59
C GLN A 461 8.56 23.01 -5.95
N ARG A 462 8.16 22.03 -6.77
CA ARG A 462 7.33 20.94 -6.25
C ARG A 462 8.03 20.19 -5.14
N SER A 463 9.31 19.83 -5.34
CA SER A 463 10.09 19.11 -4.33
C SER A 463 10.26 19.92 -3.07
N GLU A 464 10.44 21.24 -3.19
CA GLU A 464 10.57 22.13 -2.04
C GLU A 464 9.28 22.17 -1.23
N LEU A 465 8.13 22.20 -1.90
CA LEU A 465 6.83 22.19 -1.22
C LEU A 465 6.59 20.83 -0.55
N TYR A 466 7.04 19.75 -1.19
CA TYR A 466 6.92 18.43 -0.53
C TYR A 466 7.75 18.40 0.75
N ALA A 467 8.98 18.95 0.70
CA ALA A 467 9.78 19.03 1.92
C ALA A 467 9.10 19.86 2.99
N LYS A 468 8.50 21.00 2.59
CA LYS A 468 7.82 21.85 3.55
C LYS A 468 6.59 21.16 4.13
N ALA A 469 5.91 20.36 3.30
CA ALA A 469 4.73 19.61 3.79
C ALA A 469 5.18 18.59 4.81
N GLU A 470 6.32 17.91 4.59
CA GLU A 470 6.83 16.96 5.56
C GLU A 470 7.19 17.72 6.85
N GLN A 471 7.81 18.89 6.70
CA GLN A 471 8.15 19.70 7.87
C GLN A 471 6.87 20.09 8.62
N GLN A 472 5.77 20.43 7.94
CA GLN A 472 4.53 20.77 8.64
C GLN A 472 3.96 19.56 9.39
N LEU A 473 3.96 18.40 8.74
CA LEU A 473 3.52 17.17 9.42
C LEU A 473 4.36 16.92 10.66
N ASP A 474 5.69 17.07 10.54
CA ASP A 474 6.63 16.87 11.62
C ASP A 474 6.45 17.87 12.75
N LYS A 475 6.22 19.13 12.40
CA LYS A 475 6.06 20.13 13.47
C LYS A 475 4.79 19.82 14.25
N ASP A 476 3.78 19.28 13.58
CA ASP A 476 2.55 18.89 14.28
C ASP A 476 2.63 17.53 14.91
N SER A 477 3.71 16.77 14.75
CA SER A 477 3.82 15.41 15.24
C SER A 477 2.56 14.61 14.89
N ALA A 478 2.17 14.60 13.62
CA ALA A 478 0.98 13.85 13.22
C ALA A 478 1.17 12.37 13.48
N ILE A 479 2.36 11.87 13.23
CA ILE A 479 2.66 10.44 13.40
C ILE A 479 3.99 10.25 14.13
N VAL A 480 4.33 8.99 14.43
CA VAL A 480 5.63 8.63 14.99
C VAL A 480 6.36 7.79 13.96
N PRO A 481 7.18 8.39 13.10
CA PRO A 481 7.97 7.62 12.13
C PRO A 481 8.87 6.65 12.89
N VAL A 482 8.91 5.40 12.42
CA VAL A 482 9.80 4.44 13.06
C VAL A 482 10.95 4.05 12.15
N TYR A 483 10.65 3.41 11.01
CA TYR A 483 11.76 3.04 10.10
C TYR A 483 11.26 2.95 8.66
N TYR A 484 12.15 3.06 7.70
CA TYR A 484 11.80 2.85 6.28
C TYR A 484 12.03 1.37 6.02
N TYR A 485 11.02 0.69 5.45
CA TYR A 485 11.13 -0.73 5.24
C TYR A 485 12.14 -1.05 4.12
N VAL A 486 12.61 -2.29 4.22
CA VAL A 486 13.30 -2.90 3.10
C VAL A 486 12.36 -4.03 2.70
N ASN A 487 12.43 -4.45 1.44
CA ASN A 487 11.57 -5.56 1.04
C ASN A 487 12.34 -6.86 1.21
N ALA A 488 12.16 -7.50 2.36
CA ALA A 488 12.85 -8.75 2.70
C ALA A 488 11.90 -9.94 2.70
N ARG A 489 12.18 -10.95 1.87
CA ARG A 489 11.34 -12.14 1.82
C ARG A 489 12.22 -13.32 1.38
N LEU A 490 11.70 -14.53 1.49
CA LEU A 490 12.48 -15.69 1.02
C LEU A 490 11.86 -16.13 -0.29
N VAL A 491 12.66 -16.44 -1.30
CA VAL A 491 12.21 -16.87 -2.61
C VAL A 491 13.02 -18.11 -2.99
N LYS A 492 12.33 -19.21 -3.27
CA LYS A 492 13.03 -20.49 -3.55
C LYS A 492 13.90 -20.24 -4.76
N PRO A 493 15.02 -20.97 -4.89
CA PRO A 493 15.92 -20.82 -6.02
C PRO A 493 15.29 -21.07 -7.37
N TRP A 494 14.25 -21.85 -7.47
CA TRP A 494 13.56 -22.24 -8.68
C TRP A 494 12.49 -21.26 -9.12
N VAL A 495 12.27 -20.22 -8.32
CA VAL A 495 11.29 -19.21 -8.75
C VAL A 495 12.00 -18.18 -9.62
N GLY A 496 11.71 -18.20 -10.92
CA GLY A 496 12.34 -17.20 -11.80
C GLY A 496 11.39 -16.01 -12.04
N GLY A 497 11.96 -14.89 -12.44
CA GLY A 497 11.19 -13.71 -12.83
C GLY A 497 11.01 -12.66 -11.75
N TYR A 498 11.45 -12.88 -10.52
CA TYR A 498 11.33 -11.91 -9.43
C TYR A 498 12.63 -11.14 -9.29
N THR A 499 12.68 -9.95 -9.87
CA THR A 499 13.91 -9.17 -9.90
C THR A 499 14.23 -8.51 -8.58
N GLY A 500 13.19 -8.01 -7.91
CA GLY A 500 13.39 -7.24 -6.67
C GLY A 500 13.70 -5.80 -7.05
N LYS A 501 13.68 -5.47 -8.34
CA LYS A 501 14.00 -4.12 -8.80
C LYS A 501 12.92 -3.08 -8.62
N ASP A 502 11.65 -3.51 -8.55
CA ASP A 502 10.56 -2.56 -8.36
C ASP A 502 10.44 -2.19 -6.90
N PRO A 503 10.65 -0.93 -6.54
CA PRO A 503 10.54 -0.48 -5.16
C PRO A 503 9.11 -0.40 -4.65
N LEU A 504 8.12 -0.56 -5.53
CA LEU A 504 6.74 -0.69 -5.12
C LEU A 504 6.32 -2.16 -4.94
N ASP A 505 7.15 -3.10 -5.35
CA ASP A 505 6.84 -4.54 -5.24
C ASP A 505 5.51 -4.92 -5.88
N ASN A 506 5.26 -4.43 -7.10
CA ASN A 506 4.02 -4.71 -7.80
C ASN A 506 4.20 -5.99 -8.62
N ILE A 507 4.20 -7.14 -7.93
CA ILE A 507 4.48 -8.40 -8.66
C ILE A 507 3.25 -8.90 -9.38
N TYR A 508 3.46 -9.47 -10.54
CA TYR A 508 2.40 -10.10 -11.32
C TYR A 508 2.84 -11.57 -11.46
N VAL A 509 2.00 -12.51 -11.06
CA VAL A 509 2.36 -13.93 -11.24
C VAL A 509 2.53 -14.34 -12.68
N LYS A 510 1.91 -13.61 -13.63
CA LYS A 510 2.11 -13.87 -15.05
C LYS A 510 3.55 -13.64 -15.51
N ASN A 511 4.37 -12.93 -14.74
CA ASN A 511 5.77 -12.72 -15.09
C ASN A 511 6.72 -13.77 -14.54
N LEU A 512 6.26 -14.67 -13.67
CA LEU A 512 7.15 -15.62 -13.00
C LEU A 512 7.17 -16.97 -13.69
N TYR A 513 8.08 -17.86 -13.31
CA TYR A 513 8.16 -19.18 -13.92
C TYR A 513 8.93 -20.10 -12.97
N ILE A 514 8.68 -21.40 -13.05
CA ILE A 514 9.32 -22.38 -12.18
C ILE A 514 10.41 -23.13 -12.95
N ILE A 515 11.64 -22.98 -12.49
CA ILE A 515 12.79 -23.61 -13.13
C ILE A 515 12.85 -25.05 -12.64
N LYS A 516 13.15 -25.97 -13.53
CA LYS A 516 13.28 -27.38 -13.21
C LYS A 516 14.18 -27.61 -12.01
N HIS A 517 13.73 -28.37 -11.02
CA HIS A 517 14.57 -28.60 -9.84
C HIS A 517 14.21 -29.93 -9.18
N LYS B 1 -0.83 2.25 -0.34
CA LYS B 1 -1.57 1.06 0.17
C LYS B 1 -1.10 0.68 1.56
N GLN B 2 -2.03 0.12 2.35
CA GLN B 2 -1.71 -0.29 3.72
C GLN B 2 -0.86 -1.54 3.80
N LYS B 3 0.17 -1.46 4.65
CA LYS B 3 1.07 -2.56 4.88
C LYS B 3 1.08 -2.96 6.37
U U1 C . 11.58 9.84 -12.49
U U1 D . 9.05 13.90 -17.00
U U1 E . 8.35 17.89 -15.87
U U1 F . 6.61 -15.95 18.45
U U1 G . -8.02 3.90 25.24
U U1 H . 12.31 -32.87 -8.15
U U1 I . 8.84 -34.00 -9.42
U U1 J . 7.79 -34.87 -14.44
#